data_4CID
#
_entry.id   4CID
#
_cell.length_a   99.851
_cell.length_b   134.653
_cell.length_c   56.068
_cell.angle_alpha   90.00
_cell.angle_beta   106.05
_cell.angle_gamma   90.00
#
_symmetry.space_group_name_H-M   'C 1 2 1'
#
loop_
_entity.id
_entity.type
_entity.pdbx_description
1 polymer 'EH DOMAIN-CONTAINING PROTEIN 2'
2 non-polymer 'CALCIUM ION'
3 non-polymer 'PHOSPHOAMINOPHOSPHONIC ACID-ADENYLATE ESTER'
4 non-polymer 'MAGNESIUM ION'
5 water water
#
_entity_poly.entity_id   1
_entity_poly.type   'polypeptide(L)'
_entity_poly.pdbx_seq_one_letter_code
;GPH(MSE)GGS(MSE)FSW(MSE)KKGGARGQRPEAIRTVTSSLKELYRTKLLPLEEHYRFGSFHSPALEDADFDGKP
(MSE)VLVAGQYSTGKTSFIQYLLEQEVPGSRVGPEPTTDCFVAV(MSE)HGETEGTVPGNALVVDPEKPFRKLNPFGNT
FLNRF(MSE)CAQLPNQVLESISIIDTPGILSGAKQRVSRGYDFPAVLRWFAERVDLIILLFDAHKLEISDEFSEAIGAL
RGHEDKIRVVLNKAD(MSE)VETQQL(MSE)RVYGAL(MSE)WALGKVVGTPEVLRVYIGSFWSQPLLVPDNRRLFELEE
QDLFRDIQGLPRHAALRKLNDLVKRARLVRVHAYIISYLKKE(MSE)PTVFGKENKKKQLILKLPVIFAKIQLEHHISPG
DFPDCQK(MSE)QELL(MSE)AHDFTKFHSLKPKLLEALDD(MSE)LAQDIAKL(MSE)PLLRQEELESVEAGVAGGAFE
GTR(MSE)GPFVERGPDEAIEDGEEGSEDDAEWVVTKDKSKYDEIFYNLAPADGKLSGSKAKTW(MSE)VGTKLPNSVLG
RIWKLSDVDRDG(MSE)LDDEEFALASHLIEAKLEGHGLPTNLPRRLVPPSKRRQKGSAE
;
_entity_poly.pdbx_strand_id   A
#
loop_
_chem_comp.id
_chem_comp.type
_chem_comp.name
_chem_comp.formula
ANP non-polymer 'PHOSPHOAMINOPHOSPHONIC ACID-ADENYLATE ESTER' 'C10 H17 N6 O12 P3'
CA non-polymer 'CALCIUM ION' 'Ca 2'
MG non-polymer 'MAGNESIUM ION' 'Mg 2'
#
# COMPACT_ATOMS: atom_id res chain seq x y z
N MSE A 8 9.49 10.75 27.34
CA MSE A 8 8.62 9.87 26.50
C MSE A 8 9.46 8.81 25.85
O MSE A 8 10.57 9.10 25.40
CB MSE A 8 7.91 10.67 25.41
CG MSE A 8 7.06 11.78 25.99
SE MSE A 8 5.93 12.62 24.61
CE MSE A 8 6.96 14.28 24.32
N PHE A 9 8.94 7.59 25.78
CA PHE A 9 9.73 6.46 25.29
C PHE A 9 8.86 5.36 24.69
N SER A 10 9.46 4.58 23.80
CA SER A 10 8.75 3.54 23.06
C SER A 10 9.24 2.13 23.39
N TRP A 11 8.29 1.30 23.82
CA TRP A 11 8.49 -0.13 24.01
C TRP A 11 7.84 -0.86 22.83
N MSE A 12 7.36 -0.08 21.86
CA MSE A 12 6.54 -0.58 20.76
C MSE A 12 7.28 -1.60 19.96
O MSE A 12 6.75 -2.68 19.71
CB MSE A 12 6.19 0.60 19.85
CG MSE A 12 4.71 0.67 19.55
SE MSE A 12 4.34 2.51 18.97
CE MSE A 12 5.91 2.80 17.81
N LYS A 13 8.50 -1.25 19.55
CA LYS A 13 9.34 -2.20 18.81
C LYS A 13 9.71 -3.36 19.73
N LYS A 14 8.97 -4.45 19.58
CA LYS A 14 9.00 -5.55 20.54
C LYS A 14 9.99 -6.62 20.09
N ALA A 24 30.34 -13.17 18.31
CA ALA A 24 29.50 -14.20 17.71
C ALA A 24 28.24 -13.59 17.08
N ILE A 25 27.70 -14.29 16.08
CA ILE A 25 26.45 -13.91 15.41
C ILE A 25 26.54 -12.51 14.77
N ARG A 26 27.53 -12.35 13.90
CA ARG A 26 27.78 -11.09 13.21
C ARG A 26 26.84 -10.97 12.02
N THR A 27 25.68 -10.37 12.26
CA THR A 27 24.61 -10.33 11.25
C THR A 27 24.54 -8.94 10.63
N VAL A 28 24.02 -8.89 9.40
CA VAL A 28 23.87 -7.64 8.67
C VAL A 28 23.16 -6.58 9.53
N THR A 29 22.15 -7.03 10.30
CA THR A 29 21.44 -6.17 11.23
C THR A 29 22.40 -5.51 12.22
N SER A 30 23.27 -6.32 12.84
CA SER A 30 24.24 -5.78 13.79
C SER A 30 25.20 -4.86 13.05
N SER A 31 25.72 -5.34 11.93
CA SER A 31 26.62 -4.53 11.09
C SER A 31 26.05 -3.14 10.89
N LEU A 32 24.77 -3.07 10.54
CA LEU A 32 24.11 -1.76 10.40
C LEU A 32 24.25 -0.94 11.67
N LYS A 33 23.85 -1.54 12.81
CA LYS A 33 23.91 -0.83 14.10
C LYS A 33 25.31 -0.32 14.37
N GLU A 34 26.32 -1.12 14.07
CA GLU A 34 27.69 -0.72 14.31
C GLU A 34 28.08 0.41 13.36
N LEU A 35 27.68 0.30 12.10
CA LEU A 35 27.93 1.38 11.13
C LEU A 35 27.30 2.70 11.59
N TYR A 36 26.04 2.64 12.03
CA TYR A 36 25.33 3.82 12.49
C TYR A 36 26.12 4.58 13.55
N ARG A 37 26.40 3.90 14.66
CA ARG A 37 27.09 4.51 15.80
C ARG A 37 28.49 4.98 15.47
N THR A 38 29.12 4.33 14.51
CA THR A 38 30.50 4.65 14.14
C THR A 38 30.60 5.81 13.16
N LYS A 39 29.75 5.81 12.13
CA LYS A 39 29.87 6.75 11.01
C LYS A 39 28.72 7.77 10.85
N LEU A 40 27.58 7.53 11.50
CA LEU A 40 26.46 8.47 11.44
C LEU A 40 26.24 9.25 12.73
N LEU A 41 26.19 8.51 13.84
CA LEU A 41 25.88 9.08 15.15
C LEU A 41 26.73 10.31 15.46
N PRO A 42 28.06 10.24 15.22
CA PRO A 42 28.89 11.41 15.48
C PRO A 42 28.43 12.61 14.67
N LEU A 43 28.11 12.36 13.41
CA LEU A 43 27.70 13.43 12.51
C LEU A 43 26.36 14.00 12.95
N GLU A 44 25.43 13.14 13.37
CA GLU A 44 24.15 13.62 13.91
C GLU A 44 24.38 14.48 15.16
N GLU A 45 25.18 13.95 16.06
CA GLU A 45 25.39 14.54 17.37
C GLU A 45 26.20 15.83 17.31
N HIS A 46 27.10 15.94 16.32
CA HIS A 46 27.94 17.12 16.19
C HIS A 46 27.15 18.33 15.71
N TYR A 47 26.23 18.10 14.78
CA TYR A 47 25.42 19.18 14.21
C TYR A 47 24.00 19.18 14.75
N ARG A 48 23.74 18.37 15.78
CA ARG A 48 22.50 18.46 16.56
C ARG A 48 21.31 18.11 15.69
N PHE A 49 21.37 16.94 15.07
CA PHE A 49 20.30 16.43 14.23
C PHE A 49 19.03 16.23 15.06
N GLY A 50 19.22 15.64 16.23
CA GLY A 50 18.14 15.35 17.17
C GLY A 50 17.28 16.53 17.60
N SER A 51 17.83 17.74 17.56
CA SER A 51 17.08 18.93 17.89
C SER A 51 16.39 19.55 16.67
N PHE A 52 16.49 18.88 15.52
CA PHE A 52 15.85 19.37 14.30
C PHE A 52 14.96 18.34 13.60
N HIS A 53 15.45 17.12 13.43
CA HIS A 53 14.74 16.15 12.59
C HIS A 53 14.32 14.91 13.33
N SER A 54 15.28 14.14 13.82
CA SER A 54 14.95 12.92 14.54
C SER A 54 16.03 12.55 15.55
N PRO A 55 15.61 12.04 16.71
CA PRO A 55 16.57 11.73 17.77
C PRO A 55 17.47 10.55 17.45
N ALA A 56 18.52 10.41 18.24
CA ALA A 56 19.46 9.30 18.10
C ALA A 56 18.76 7.95 18.22
N LEU A 57 19.11 7.04 17.32
CA LEU A 57 18.49 5.71 17.30
C LEU A 57 18.99 4.86 18.44
N GLU A 58 18.18 3.88 18.84
CA GLU A 58 18.49 2.97 19.94
C GLU A 58 18.41 1.53 19.47
N ASP A 59 18.93 0.60 20.28
CA ASP A 59 18.92 -0.82 19.93
C ASP A 59 17.54 -1.34 19.56
N ALA A 60 16.51 -0.84 20.26
CA ALA A 60 15.12 -1.15 19.93
C ALA A 60 14.81 -0.98 18.44
N ASP A 61 15.41 0.03 17.82
CA ASP A 61 15.20 0.27 16.38
C ASP A 61 15.75 -0.86 15.50
N PHE A 62 16.78 -1.56 15.99
CA PHE A 62 17.44 -2.61 15.22
C PHE A 62 16.99 -4.01 15.60
N ASP A 63 16.73 -4.23 16.89
CA ASP A 63 16.42 -5.57 17.40
C ASP A 63 14.92 -5.85 17.52
N GLY A 64 14.09 -4.85 17.23
CA GLY A 64 12.65 -4.98 17.43
C GLY A 64 11.93 -5.73 16.32
N LYS A 65 10.65 -6.03 16.57
CA LYS A 65 9.82 -6.73 15.59
C LYS A 65 9.27 -5.77 14.56
N PRO A 66 9.04 -6.25 13.32
CA PRO A 66 8.51 -5.41 12.24
C PRO A 66 7.09 -4.95 12.49
N MSE A 67 6.76 -3.75 12.01
CA MSE A 67 5.45 -3.13 12.25
C MSE A 67 4.77 -2.70 10.99
O MSE A 67 5.44 -2.27 10.03
CB MSE A 67 5.62 -1.88 13.10
CG MSE A 67 6.22 -2.15 14.47
SE MSE A 67 6.47 -0.42 15.39
CE MSE A 67 8.02 0.21 14.36
N VAL A 68 3.43 -2.77 11.00
CA VAL A 68 2.59 -2.29 9.89
C VAL A 68 1.55 -1.28 10.37
N LEU A 69 1.59 -0.08 9.80
CA LEU A 69 0.70 1.01 10.22
C LEU A 69 -0.54 1.04 9.33
N VAL A 70 -1.69 1.35 9.92
CA VAL A 70 -2.96 1.41 9.18
C VAL A 70 -3.63 2.77 9.35
N ALA A 71 -3.76 3.53 8.25
CA ALA A 71 -4.32 4.87 8.31
C ALA A 71 -5.41 5.09 7.28
N GLY A 72 -6.15 6.18 7.45
CA GLY A 72 -7.26 6.51 6.58
C GLY A 72 -8.27 7.42 7.26
N GLN A 73 -9.30 7.79 6.51
CA GLN A 73 -10.31 8.71 7.00
C GLN A 73 -11.29 7.98 7.91
N TYR A 74 -12.29 8.69 8.41
CA TYR A 74 -13.25 8.09 9.31
C TYR A 74 -14.08 7.02 8.61
N SER A 75 -14.32 5.93 9.34
CA SER A 75 -15.18 4.84 8.89
C SER A 75 -14.70 4.20 7.59
N THR A 76 -13.40 4.23 7.34
CA THR A 76 -12.85 3.61 6.14
C THR A 76 -12.74 2.10 6.34
N GLY A 77 -12.61 1.67 7.59
CA GLY A 77 -12.53 0.26 7.94
C GLY A 77 -11.19 -0.19 8.48
N LYS A 78 -10.45 0.72 9.11
CA LYS A 78 -9.11 0.41 9.61
C LYS A 78 -9.15 -0.64 10.70
N THR A 79 -9.95 -0.39 11.73
CA THR A 79 -10.06 -1.30 12.85
C THR A 79 -10.59 -2.64 12.36
N SER A 80 -11.59 -2.60 11.47
CA SER A 80 -12.13 -3.82 10.86
C SER A 80 -11.05 -4.61 10.11
N PHE A 81 -10.24 -3.91 9.34
CA PHE A 81 -9.14 -4.50 8.57
C PHE A 81 -8.17 -5.28 9.44
N ILE A 82 -7.74 -4.66 10.53
CA ILE A 82 -6.83 -5.31 11.47
C ILE A 82 -7.51 -6.57 12.03
N GLN A 83 -8.76 -6.41 12.48
CA GLN A 83 -9.54 -7.54 13.00
C GLN A 83 -9.63 -8.68 11.98
N TYR A 84 -9.80 -8.30 10.72
CA TYR A 84 -9.87 -9.24 9.61
C TYR A 84 -8.54 -9.94 9.39
N LEU A 85 -7.44 -9.20 9.46
CA LEU A 85 -6.11 -9.85 9.42
C LEU A 85 -5.92 -10.83 10.56
N LEU A 86 -6.41 -10.44 11.73
CA LEU A 86 -6.28 -11.28 12.93
C LEU A 86 -7.20 -12.49 12.97
N GLU A 87 -8.35 -12.39 12.33
CA GLU A 87 -9.49 -13.28 12.57
C GLU A 87 -9.82 -13.30 14.06
N GLN A 88 -9.78 -12.13 14.69
CA GLN A 88 -10.04 -12.00 16.12
C GLN A 88 -10.20 -10.52 16.50
N GLU A 89 -11.01 -10.26 17.52
CA GLU A 89 -11.34 -8.89 17.91
C GLU A 89 -10.24 -8.20 18.72
N VAL A 90 -10.13 -6.88 18.56
CA VAL A 90 -9.11 -6.09 19.26
C VAL A 90 -9.66 -5.66 20.63
N PRO A 91 -8.96 -6.03 21.72
CA PRO A 91 -9.35 -5.64 23.08
C PRO A 91 -9.75 -4.17 23.24
N GLY A 92 -8.87 -3.25 22.85
CA GLY A 92 -9.11 -1.82 23.02
C GLY A 92 -10.12 -1.25 22.03
N SER A 93 -9.75 -1.26 20.75
CA SER A 93 -10.60 -0.70 19.70
C SER A 93 -11.87 -1.52 19.47
N ARG A 94 -12.94 -0.82 19.10
CA ARG A 94 -14.20 -1.45 18.72
C ARG A 94 -14.68 -0.86 17.40
N VAL A 95 -15.48 -1.64 16.67
CA VAL A 95 -16.04 -1.23 15.39
C VAL A 95 -17.31 -0.37 15.59
N GLY A 96 -17.49 0.64 14.74
CA GLY A 96 -18.67 1.50 14.82
C GLY A 96 -18.78 2.43 13.62
N PRO A 97 -20.03 2.82 13.24
CA PRO A 97 -20.24 3.69 12.07
C PRO A 97 -19.79 5.14 12.25
N GLU A 98 -20.07 5.70 13.43
CA GLU A 98 -19.67 7.06 13.77
C GLU A 98 -18.20 7.01 14.25
N PRO A 99 -17.49 8.15 14.23
CA PRO A 99 -16.10 8.17 14.72
C PRO A 99 -15.91 7.54 16.12
N THR A 100 -15.36 6.33 16.16
CA THR A 100 -15.21 5.56 17.41
C THR A 100 -13.81 5.73 18.00
N THR A 101 -12.79 5.31 17.25
CA THR A 101 -11.40 5.35 17.70
C THR A 101 -10.93 6.79 17.84
N ASP A 102 -10.26 7.10 18.95
CA ASP A 102 -9.76 8.45 19.22
C ASP A 102 -8.33 8.45 19.76
N CYS A 103 -7.60 7.35 19.54
CA CYS A 103 -6.22 7.22 20.02
C CYS A 103 -5.46 6.22 19.18
N PHE A 104 -4.14 6.20 19.37
CA PHE A 104 -3.27 5.28 18.66
C PHE A 104 -3.18 3.98 19.43
N VAL A 105 -3.80 2.94 18.88
CA VAL A 105 -3.80 1.63 19.51
C VAL A 105 -2.66 0.80 18.92
N ALA A 106 -1.69 0.45 19.76
CA ALA A 106 -0.57 -0.36 19.30
C ALA A 106 -0.84 -1.84 19.54
N VAL A 107 -1.55 -2.46 18.60
CA VAL A 107 -1.89 -3.87 18.68
C VAL A 107 -0.64 -4.72 18.55
N MSE A 108 -0.20 -5.32 19.66
CA MSE A 108 1.01 -6.14 19.62
C MSE A 108 0.80 -7.39 20.44
O MSE A 108 -0.22 -7.54 21.09
CB MSE A 108 2.22 -5.34 20.09
CG MSE A 108 2.06 -4.75 21.48
SE MSE A 108 3.77 -3.89 21.92
CE MSE A 108 4.17 -4.97 23.52
N HIS A 109 1.78 -8.29 20.39
CA HIS A 109 1.65 -9.59 21.05
C HIS A 109 1.47 -9.46 22.56
N GLY A 110 0.80 -10.46 23.14
CA GLY A 110 0.62 -10.51 24.58
C GLY A 110 0.41 -11.94 25.03
N GLU A 111 1.01 -12.28 26.16
CA GLU A 111 0.92 -13.64 26.70
C GLU A 111 -0.52 -13.95 27.06
N THR A 112 -1.17 -13.00 27.75
CA THR A 112 -2.60 -13.07 28.06
C THR A 112 -3.33 -11.92 27.37
N GLU A 113 -4.62 -12.11 27.10
CA GLU A 113 -5.46 -11.07 26.52
C GLU A 113 -5.54 -9.87 27.45
N GLY A 114 -5.64 -8.67 26.88
CA GLY A 114 -5.87 -7.46 27.68
C GLY A 114 -5.21 -6.22 27.10
N THR A 115 -5.34 -5.10 27.81
CA THR A 115 -4.77 -3.84 27.37
C THR A 115 -3.97 -3.16 28.47
N VAL A 116 -3.20 -2.16 28.07
CA VAL A 116 -2.50 -1.28 29.00
C VAL A 116 -2.42 0.12 28.40
N PRO A 117 -2.81 1.16 29.17
CA PRO A 117 -2.73 2.53 28.67
C PRO A 117 -1.32 3.05 28.41
N GLY A 118 -1.23 4.32 28.01
CA GLY A 118 0.06 4.99 27.89
C GLY A 118 0.73 5.16 29.24
N ASN A 119 2.05 5.31 29.22
CA ASN A 119 2.89 5.52 30.42
C ASN A 119 3.29 4.21 31.12
N ALA A 120 2.92 3.08 30.53
CA ALA A 120 3.33 1.78 31.03
C ALA A 120 4.26 1.16 29.98
N LEU A 121 5.44 0.74 30.42
CA LEU A 121 6.47 0.22 29.52
C LEU A 121 7.03 -1.11 30.01
N ASN A 133 12.08 9.17 35.03
CA ASN A 133 11.67 10.55 35.22
C ASN A 133 11.31 11.25 33.90
N PRO A 134 10.03 11.18 33.50
CA PRO A 134 9.52 12.06 32.44
C PRO A 134 8.98 13.40 32.97
N PHE A 135 9.76 14.05 33.83
CA PHE A 135 9.61 15.48 34.10
C PHE A 135 9.61 16.30 32.80
N GLY A 136 10.38 15.83 31.81
CA GLY A 136 10.22 16.28 30.42
C GLY A 136 8.94 15.67 29.90
N ASN A 137 7.84 16.39 30.14
CA ASN A 137 6.49 15.81 30.15
C ASN A 137 5.99 15.14 28.88
N THR A 138 4.95 14.34 29.06
CA THR A 138 4.39 13.50 28.00
C THR A 138 2.99 13.93 27.58
N PHE A 139 2.77 13.98 26.27
CA PHE A 139 1.45 13.75 25.72
C PHE A 139 1.49 12.51 24.82
N LEU A 140 1.55 11.35 25.45
CA LEU A 140 1.16 10.10 24.82
C LEU A 140 0.05 9.44 25.63
N ASN A 141 -0.43 10.10 26.69
CA ASN A 141 -1.45 9.51 27.57
C ASN A 141 -2.59 8.97 26.72
N ARG A 142 -2.84 9.66 25.61
CA ARG A 142 -3.73 9.18 24.56
C ARG A 142 -2.94 8.28 23.59
N PHE A 143 -2.58 7.10 24.09
CA PHE A 143 -1.93 6.05 23.32
C PHE A 143 -2.05 4.76 24.12
N MSE A 144 -2.70 3.76 23.53
CA MSE A 144 -3.01 2.53 24.23
C MSE A 144 -2.31 1.36 23.60
O MSE A 144 -2.07 1.33 22.40
CB MSE A 144 -4.52 2.32 24.16
CG MSE A 144 -4.97 1.18 25.07
SE MSE A 144 -6.92 1.33 25.35
CE MSE A 144 -7.50 1.43 23.48
N CYS A 145 -1.98 0.37 24.43
CA CYS A 145 -1.40 -0.86 23.94
C CYS A 145 -2.34 -2.04 24.18
N ALA A 146 -2.67 -2.73 23.09
CA ALA A 146 -3.48 -3.93 23.13
C ALA A 146 -2.58 -5.17 22.98
N GLN A 147 -2.76 -6.09 23.94
CA GLN A 147 -1.95 -7.30 24.05
C GLN A 147 -2.85 -8.54 24.00
N LEU A 148 -2.48 -9.48 23.13
CA LEU A 148 -3.21 -10.74 22.99
C LEU A 148 -2.33 -11.85 22.36
N PRO A 149 -2.55 -13.11 22.77
CA PRO A 149 -1.82 -14.24 22.18
C PRO A 149 -2.36 -14.62 20.81
N ASN A 150 -1.53 -14.50 19.78
CA ASN A 150 -1.97 -14.75 18.41
C ASN A 150 -0.79 -14.99 17.48
N GLN A 151 -0.88 -16.06 16.70
CA GLN A 151 0.18 -16.49 15.78
C GLN A 151 0.75 -15.37 14.92
N VAL A 152 -0.13 -14.52 14.38
CA VAL A 152 0.30 -13.37 13.58
C VAL A 152 1.20 -12.47 14.42
N LEU A 153 0.74 -12.15 15.63
CA LEU A 153 1.45 -11.21 16.50
C LEU A 153 2.83 -11.71 16.93
N GLU A 154 3.08 -13.02 16.83
CA GLU A 154 4.41 -13.56 17.04
C GLU A 154 5.41 -13.02 16.01
N SER A 155 4.92 -12.68 14.82
CA SER A 155 5.77 -12.20 13.73
C SER A 155 5.79 -10.67 13.59
N ILE A 156 4.65 -10.01 13.80
CA ILE A 156 4.55 -8.56 13.57
C ILE A 156 3.74 -7.82 14.63
N SER A 157 3.79 -6.49 14.60
CA SER A 157 2.98 -5.65 15.51
C SER A 157 2.25 -4.54 14.75
N ILE A 158 0.92 -4.51 14.86
CA ILE A 158 0.10 -3.63 14.03
C ILE A 158 -0.31 -2.37 14.81
N ILE A 159 -0.48 -1.27 14.10
CA ILE A 159 -0.81 0.00 14.74
C ILE A 159 -2.07 0.62 14.18
N ASP A 160 -3.14 0.62 14.97
CA ASP A 160 -4.39 1.27 14.59
C ASP A 160 -4.26 2.74 14.95
N THR A 161 -4.56 3.62 14.00
CA THR A 161 -4.45 5.05 14.19
C THR A 161 -5.84 5.67 14.29
N PRO A 162 -5.93 6.94 14.75
CA PRO A 162 -7.22 7.65 14.70
C PRO A 162 -7.61 8.05 13.28
N GLY A 163 -8.91 8.19 13.04
CA GLY A 163 -9.42 8.52 11.71
C GLY A 163 -8.99 9.91 11.29
N ILE A 164 -8.56 10.03 10.04
CA ILE A 164 -8.17 11.34 9.51
C ILE A 164 -9.41 12.19 9.23
N LEU A 165 -9.34 13.47 9.61
CA LEU A 165 -10.49 14.37 9.51
C LEU A 165 -10.87 14.62 8.04
N SER A 166 -12.18 14.75 7.80
CA SER A 166 -12.73 14.83 6.45
C SER A 166 -13.65 16.05 6.27
N GLY A 167 -13.22 17.00 5.44
CA GLY A 167 -14.00 18.21 5.18
C GLY A 167 -13.13 19.40 4.80
N SER A 173 -7.05 23.08 15.23
CA SER A 173 -8.30 22.47 15.65
C SER A 173 -8.06 21.33 16.64
N ARG A 174 -7.13 20.43 16.29
CA ARG A 174 -6.78 19.29 17.13
C ARG A 174 -5.83 19.69 18.25
N GLY A 175 -5.54 18.76 19.16
CA GLY A 175 -4.63 19.01 20.28
C GLY A 175 -3.16 18.76 19.98
N TYR A 176 -2.84 18.35 18.76
CA TYR A 176 -1.47 18.01 18.37
C TYR A 176 -1.28 17.98 16.86
N ASP A 177 -0.02 17.89 16.43
CA ASP A 177 0.35 17.88 15.01
C ASP A 177 0.24 16.45 14.45
N PHE A 178 -0.82 16.20 13.68
CA PHE A 178 -1.11 14.85 13.20
C PHE A 178 -0.19 14.38 12.08
N PRO A 179 0.12 15.24 11.10
CA PRO A 179 1.11 14.82 10.10
C PRO A 179 2.45 14.39 10.69
N ALA A 180 3.03 15.23 11.54
CA ALA A 180 4.35 14.97 12.11
C ALA A 180 4.43 13.60 12.78
N VAL A 181 3.39 13.20 13.48
CA VAL A 181 3.38 11.88 14.11
C VAL A 181 3.40 10.76 13.07
N LEU A 182 2.72 10.97 11.94
CA LEU A 182 2.79 10.02 10.83
C LEU A 182 4.19 10.02 10.23
N ARG A 183 4.76 11.20 10.05
CA ARG A 183 6.14 11.28 9.60
C ARG A 183 7.06 10.52 10.56
N TRP A 184 6.76 10.56 11.86
CA TRP A 184 7.56 9.82 12.83
C TRP A 184 7.47 8.31 12.63
N PHE A 185 6.26 7.81 12.42
CA PHE A 185 6.07 6.39 12.14
C PHE A 185 6.70 5.98 10.81
N ALA A 186 6.51 6.81 9.78
CA ALA A 186 7.03 6.56 8.43
C ALA A 186 8.49 6.13 8.39
N GLU A 187 9.32 6.74 9.25
CA GLU A 187 10.74 6.43 9.32
C GLU A 187 11.02 5.02 9.86
N ARG A 188 10.14 4.54 10.74
CA ARG A 188 10.38 3.31 11.53
C ARG A 188 9.57 2.09 11.09
N VAL A 189 8.38 2.33 10.54
CA VAL A 189 7.42 1.28 10.21
C VAL A 189 7.81 0.56 8.91
N ASP A 190 7.37 -0.68 8.74
CA ASP A 190 7.70 -1.46 7.53
C ASP A 190 6.71 -1.22 6.39
N LEU A 191 5.42 -1.34 6.69
CA LEU A 191 4.36 -1.07 5.71
C LEU A 191 3.38 -0.01 6.21
N ILE A 192 2.98 0.86 5.30
CA ILE A 192 2.01 1.89 5.57
C ILE A 192 0.76 1.61 4.73
N ILE A 193 -0.30 1.10 5.36
CA ILE A 193 -1.54 0.80 4.68
C ILE A 193 -2.46 2.02 4.74
N LEU A 194 -2.80 2.58 3.58
CA LEU A 194 -3.73 3.71 3.50
C LEU A 194 -5.05 3.22 2.99
N LEU A 195 -6.13 3.43 3.74
CA LEU A 195 -7.44 2.93 3.30
C LEU A 195 -8.28 4.02 2.64
N PHE A 196 -9.11 3.61 1.68
CA PHE A 196 -10.15 4.48 1.10
C PHE A 196 -11.38 3.63 0.94
N ASP A 197 -12.58 4.18 1.13
CA ASP A 197 -13.76 3.35 0.95
C ASP A 197 -14.51 3.68 -0.34
N ALA A 198 -14.69 2.67 -1.18
CA ALA A 198 -15.33 2.86 -2.48
C ALA A 198 -16.74 3.45 -2.36
N HIS A 199 -17.38 3.13 -1.24
CA HIS A 199 -18.75 3.56 -0.99
C HIS A 199 -18.91 5.07 -0.98
N LYS A 200 -18.01 5.74 -0.26
CA LYS A 200 -18.07 7.18 -0.08
C LYS A 200 -16.66 7.75 -0.08
N LEU A 201 -16.06 7.75 -1.27
CA LEU A 201 -14.70 8.24 -1.45
C LEU A 201 -14.63 9.73 -1.20
N GLU A 202 -13.73 10.12 -0.32
CA GLU A 202 -13.40 11.53 -0.10
C GLU A 202 -11.89 11.63 0.11
N ILE A 203 -11.22 12.34 -0.79
CA ILE A 203 -9.79 12.61 -0.67
C ILE A 203 -9.64 14.05 -0.12
N SER A 204 -9.67 14.15 1.21
CA SER A 204 -9.76 15.45 1.88
C SER A 204 -8.39 16.08 2.18
N ASP A 205 -8.42 17.34 2.56
CA ASP A 205 -7.21 18.17 2.66
C ASP A 205 -6.29 17.81 3.83
N GLU A 206 -6.86 17.49 4.99
CA GLU A 206 -6.01 17.02 6.10
C GLU A 206 -5.34 15.71 5.70
N PHE A 207 -6.00 14.94 4.83
CA PHE A 207 -5.39 13.74 4.25
C PHE A 207 -4.27 14.14 3.29
N SER A 208 -4.59 15.05 2.36
CA SER A 208 -3.58 15.58 1.42
C SER A 208 -2.34 16.13 2.13
N GLU A 209 -2.55 16.65 3.34
CA GLU A 209 -1.45 17.09 4.17
C GLU A 209 -0.68 15.90 4.72
N ALA A 210 -1.42 14.89 5.20
CA ALA A 210 -0.81 13.67 5.73
C ALA A 210 0.16 13.06 4.73
N ILE A 211 -0.28 12.87 3.48
CA ILE A 211 0.59 12.29 2.45
C ILE A 211 1.94 13.03 2.35
N GLY A 212 1.90 14.35 2.37
CA GLY A 212 3.13 15.16 2.39
C GLY A 212 4.12 14.70 3.44
N ALA A 213 3.63 14.27 4.60
CA ALA A 213 4.47 13.79 5.69
C ALA A 213 5.13 12.45 5.37
N LEU A 214 4.47 11.65 4.54
CA LEU A 214 5.03 10.37 4.11
C LEU A 214 6.08 10.53 3.01
N ARG A 215 6.14 11.71 2.39
CA ARG A 215 7.10 12.01 1.33
C ARG A 215 8.49 11.45 1.67
N GLY A 216 9.09 10.76 0.71
CA GLY A 216 10.36 10.07 0.93
C GLY A 216 10.20 8.60 1.24
N HIS A 217 9.02 8.20 1.69
CA HIS A 217 8.73 6.81 2.01
C HIS A 217 7.52 6.33 1.21
N GLU A 218 7.57 6.57 -0.10
CA GLU A 218 6.48 6.18 -1.01
C GLU A 218 6.42 4.65 -1.05
N ASP A 219 7.60 4.03 -1.15
CA ASP A 219 7.73 2.59 -1.34
C ASP A 219 7.09 1.74 -0.24
N LYS A 220 6.93 2.31 0.94
CA LYS A 220 6.26 1.61 2.05
C LYS A 220 4.74 1.68 1.97
N ILE A 221 4.21 2.51 1.08
CA ILE A 221 2.77 2.75 1.04
C ILE A 221 2.06 1.63 0.28
N ARG A 222 0.90 1.22 0.80
CA ARG A 222 0.01 0.30 0.11
C ARG A 222 -1.40 0.84 0.22
N VAL A 223 -1.87 1.44 -0.87
CA VAL A 223 -3.22 1.98 -0.93
C VAL A 223 -4.21 0.84 -1.07
N VAL A 224 -5.28 0.90 -0.28
CA VAL A 224 -6.29 -0.13 -0.23
C VAL A 224 -7.65 0.52 -0.47
N LEU A 225 -8.33 0.05 -1.51
CA LEU A 225 -9.67 0.49 -1.84
C LEU A 225 -10.66 -0.50 -1.25
N ASN A 226 -11.16 -0.13 -0.06
CA ASN A 226 -12.03 -0.97 0.74
C ASN A 226 -13.49 -0.86 0.32
N LYS A 227 -14.26 -1.87 0.71
CA LYS A 227 -15.71 -1.91 0.49
C LYS A 227 -16.10 -1.98 -0.98
N ALA A 228 -15.19 -2.44 -1.83
CA ALA A 228 -15.45 -2.46 -3.27
C ALA A 228 -16.67 -3.31 -3.66
N ASP A 229 -17.07 -4.23 -2.79
CA ASP A 229 -18.28 -5.03 -3.00
C ASP A 229 -19.59 -4.29 -2.71
N MSE A 230 -19.48 -3.03 -2.29
CA MSE A 230 -20.65 -2.21 -1.95
C MSE A 230 -21.17 -1.43 -3.11
O MSE A 230 -22.38 -1.22 -3.23
CB MSE A 230 -20.23 -1.23 -0.86
CG MSE A 230 -21.37 -0.79 0.03
SE MSE A 230 -20.62 -0.46 1.82
CE MSE A 230 -22.33 -0.41 2.81
N VAL A 231 -20.29 -0.98 -4.00
CA VAL A 231 -20.71 -0.20 -5.16
C VAL A 231 -20.82 -1.07 -6.40
N GLU A 232 -21.67 -0.63 -7.32
CA GLU A 232 -21.89 -1.35 -8.55
C GLU A 232 -20.62 -1.31 -9.41
N THR A 233 -20.44 -2.39 -10.17
CA THR A 233 -19.23 -2.61 -10.95
C THR A 233 -18.78 -1.38 -11.76
N GLN A 234 -19.69 -0.76 -12.50
CA GLN A 234 -19.38 0.50 -13.21
C GLN A 234 -18.93 1.59 -12.25
N GLN A 235 -19.69 1.77 -11.17
CA GLN A 235 -19.40 2.81 -10.18
C GLN A 235 -17.99 2.66 -9.58
N LEU A 236 -17.67 1.43 -9.17
CA LEU A 236 -16.31 1.10 -8.69
C LEU A 236 -15.20 1.66 -9.59
N MSE A 237 -15.39 1.53 -10.91
CA MSE A 237 -14.41 2.03 -11.86
C MSE A 237 -14.27 3.51 -11.72
O MSE A 237 -13.16 4.04 -11.72
CB MSE A 237 -14.74 1.69 -13.31
CG MSE A 237 -14.73 0.18 -13.64
SE MSE A 237 -13.06 -0.71 -13.06
CE MSE A 237 -12.75 -2.07 -14.45
N ARG A 238 -15.39 4.22 -11.59
CA ARG A 238 -15.35 5.69 -11.47
C ARG A 238 -14.56 6.06 -10.23
N VAL A 239 -14.92 5.41 -9.12
CA VAL A 239 -14.29 5.70 -7.84
C VAL A 239 -12.78 5.47 -7.96
N TYR A 240 -12.44 4.25 -8.34
CA TYR A 240 -11.05 3.89 -8.55
C TYR A 240 -10.34 4.91 -9.42
N GLY A 241 -10.94 5.29 -10.55
CA GLY A 241 -10.36 6.31 -11.39
C GLY A 241 -10.07 7.57 -10.60
N ALA A 242 -11.14 8.16 -10.07
CA ALA A 242 -11.05 9.41 -9.32
C ALA A 242 -9.93 9.35 -8.29
N LEU A 243 -9.90 8.28 -7.51
CA LEU A 243 -8.84 8.11 -6.50
C LEU A 243 -7.42 8.25 -7.09
N MSE A 244 -7.17 7.60 -8.23
CA MSE A 244 -5.84 7.63 -8.83
C MSE A 244 -5.57 8.96 -9.45
O MSE A 244 -4.45 9.47 -9.36
CB MSE A 244 -5.66 6.57 -9.92
CG MSE A 244 -5.70 5.15 -9.34
SE MSE A 244 -4.11 4.77 -8.24
CE MSE A 244 -3.04 3.89 -9.62
N TRP A 245 -6.59 9.51 -10.11
CA TRP A 245 -6.50 10.88 -10.63
C TRP A 245 -6.08 11.84 -9.54
N ALA A 246 -6.69 11.68 -8.36
CA ALA A 246 -6.34 12.51 -7.20
C ALA A 246 -4.93 12.23 -6.70
N LEU A 247 -4.69 10.99 -6.26
CA LEU A 247 -3.39 10.59 -5.71
C LEU A 247 -2.23 10.92 -6.63
N GLY A 248 -2.46 10.85 -7.94
CA GLY A 248 -1.48 11.29 -8.92
C GLY A 248 -0.95 12.68 -8.61
N LYS A 249 -1.86 13.62 -8.36
CA LYS A 249 -1.46 15.02 -8.11
C LYS A 249 -0.85 15.21 -6.73
N VAL A 250 -1.34 14.45 -5.75
CA VAL A 250 -0.96 14.67 -4.37
C VAL A 250 0.46 14.21 -4.05
N VAL A 251 0.79 12.94 -4.32
CA VAL A 251 2.15 12.45 -4.04
C VAL A 251 3.13 12.97 -5.09
N GLY A 252 2.65 13.16 -6.33
CA GLY A 252 3.43 13.81 -7.38
C GLY A 252 4.55 13.00 -8.02
N THR A 253 4.94 11.88 -7.40
CA THR A 253 5.99 11.03 -7.93
C THR A 253 5.60 10.43 -9.29
N PRO A 254 6.59 10.22 -10.19
CA PRO A 254 6.27 9.55 -11.46
C PRO A 254 5.95 8.05 -11.34
N GLU A 255 6.33 7.44 -10.21
CA GLU A 255 6.09 6.02 -9.97
C GLU A 255 4.72 5.81 -9.35
N VAL A 256 3.79 5.29 -10.14
CA VAL A 256 2.42 5.00 -9.69
C VAL A 256 2.37 4.07 -8.48
N LEU A 257 1.51 4.38 -7.54
CA LEU A 257 1.33 3.54 -6.35
C LEU A 257 0.39 2.37 -6.61
N ARG A 258 0.73 1.24 -6.03
CA ARG A 258 -0.08 0.03 -6.15
C ARG A 258 -1.30 0.13 -5.27
N VAL A 259 -2.48 -0.02 -5.86
CA VAL A 259 -3.72 -0.10 -5.09
C VAL A 259 -4.21 -1.54 -4.96
N TYR A 260 -4.91 -1.82 -3.87
CA TYR A 260 -5.47 -3.15 -3.61
C TYR A 260 -6.97 -3.02 -3.44
N ILE A 261 -7.73 -3.56 -4.40
CA ILE A 261 -9.18 -3.38 -4.42
C ILE A 261 -9.88 -4.54 -3.70
N GLY A 262 -10.67 -4.22 -2.66
CA GLY A 262 -11.40 -5.29 -1.97
C GLY A 262 -12.34 -4.86 -0.86
N SER A 263 -12.87 -5.85 -0.15
CA SER A 263 -13.64 -5.61 1.05
C SER A 263 -13.06 -6.51 2.14
N PHE A 264 -12.23 -5.93 3.00
CA PHE A 264 -11.47 -6.67 4.01
C PHE A 264 -12.33 -6.84 5.25
N TRP A 265 -13.06 -7.94 5.22
CA TRP A 265 -14.41 -8.01 5.74
C TRP A 265 -14.80 -9.49 5.74
N SER A 266 -15.10 -10.04 6.91
CA SER A 266 -15.45 -11.46 6.99
C SER A 266 -16.90 -11.75 6.60
N GLN A 267 -17.66 -10.73 6.22
CA GLN A 267 -19.08 -10.88 5.90
C GLN A 267 -19.33 -11.09 4.40
N PRO A 268 -20.58 -11.42 4.01
CA PRO A 268 -20.90 -11.70 2.60
C PRO A 268 -20.84 -10.48 1.67
N LEU A 269 -20.75 -10.75 0.38
CA LEU A 269 -20.58 -9.72 -0.63
C LEU A 269 -21.92 -9.10 -0.96
N LEU A 270 -21.99 -7.77 -0.95
CA LEU A 270 -23.20 -7.07 -1.35
C LEU A 270 -23.43 -7.27 -2.84
N VAL A 271 -22.49 -6.83 -3.67
CA VAL A 271 -22.53 -7.19 -5.10
C VAL A 271 -21.36 -8.15 -5.43
N PRO A 272 -21.68 -9.36 -5.92
CA PRO A 272 -20.65 -10.40 -6.10
C PRO A 272 -19.89 -10.36 -7.44
N ASP A 273 -20.38 -9.60 -8.42
CA ASP A 273 -19.81 -9.55 -9.76
C ASP A 273 -18.29 -9.67 -9.80
N ASN A 274 -17.60 -8.94 -8.93
CA ASN A 274 -16.14 -8.85 -8.94
C ASN A 274 -15.47 -9.63 -7.80
N ARG A 275 -16.05 -10.77 -7.43
CA ARG A 275 -15.52 -11.60 -6.36
C ARG A 275 -14.08 -12.06 -6.59
N ARG A 276 -13.78 -12.52 -7.81
CA ARG A 276 -12.45 -13.05 -8.13
C ARG A 276 -11.38 -12.00 -7.84
N LEU A 277 -11.60 -10.80 -8.38
CA LEU A 277 -10.63 -9.71 -8.26
C LEU A 277 -10.29 -9.43 -6.81
N PHE A 278 -11.31 -9.29 -5.97
CA PHE A 278 -11.10 -8.93 -4.56
C PHE A 278 -10.22 -9.99 -3.88
N GLU A 279 -10.62 -11.25 -4.02
CA GLU A 279 -9.86 -12.33 -3.39
C GLU A 279 -8.48 -12.53 -4.04
N LEU A 280 -8.31 -12.08 -5.28
CA LEU A 280 -6.97 -12.03 -5.87
C LEU A 280 -6.12 -10.92 -5.25
N GLU A 281 -6.71 -9.73 -5.10
CA GLU A 281 -6.00 -8.58 -4.54
C GLU A 281 -5.57 -8.87 -3.10
N GLU A 282 -6.56 -9.32 -2.31
CA GLU A 282 -6.32 -9.75 -0.93
C GLU A 282 -5.01 -10.55 -0.80
N GLN A 283 -4.89 -11.59 -1.63
CA GLN A 283 -3.70 -12.44 -1.63
C GLN A 283 -2.42 -11.66 -1.94
N ASP A 284 -2.51 -10.75 -2.92
CA ASP A 284 -1.33 -9.97 -3.31
C ASP A 284 -0.82 -9.17 -2.13
N LEU A 285 -1.75 -8.56 -1.39
CA LEU A 285 -1.40 -7.84 -0.17
C LEU A 285 -0.84 -8.80 0.88
N PHE A 286 -1.59 -9.88 1.15
CA PHE A 286 -1.17 -10.81 2.19
C PHE A 286 0.22 -11.40 1.97
N ARG A 287 0.54 -11.74 0.72
CA ARG A 287 1.90 -12.21 0.41
C ARG A 287 2.90 -11.11 0.71
N ASP A 288 2.55 -9.87 0.39
CA ASP A 288 3.47 -8.74 0.56
C ASP A 288 3.73 -8.47 2.04
N ILE A 289 2.67 -8.53 2.82
CA ILE A 289 2.78 -8.32 4.27
C ILE A 289 3.30 -9.56 5.02
N GLN A 290 3.23 -10.73 4.39
CA GLN A 290 3.73 -11.95 5.01
C GLN A 290 5.24 -12.04 5.03
N GLY A 291 5.89 -11.55 3.97
CA GLY A 291 7.35 -11.67 3.85
C GLY A 291 8.15 -10.59 4.56
N LEU A 292 7.48 -9.79 5.40
CA LEU A 292 8.16 -8.67 6.06
C LEU A 292 9.33 -9.09 6.95
N PRO A 293 9.16 -10.15 7.77
CA PRO A 293 10.30 -10.64 8.56
C PRO A 293 11.46 -11.11 7.69
N ARG A 294 11.14 -11.84 6.63
CA ARG A 294 12.14 -12.27 5.67
C ARG A 294 12.86 -11.07 5.03
N HIS A 295 12.11 -10.03 4.70
CA HIS A 295 12.69 -8.84 4.07
C HIS A 295 12.87 -7.68 5.05
N ALA A 296 13.10 -8.01 6.32
CA ALA A 296 13.21 -7.00 7.38
C ALA A 296 14.53 -6.20 7.30
N ALA A 297 15.65 -6.91 7.25
CA ALA A 297 16.97 -6.29 7.27
C ALA A 297 17.22 -5.30 6.12
N LEU A 298 16.61 -5.55 4.96
CA LEU A 298 16.79 -4.72 3.78
C LEU A 298 16.18 -3.31 3.96
N ARG A 299 14.95 -3.26 4.46
CA ARG A 299 14.29 -1.97 4.70
C ARG A 299 15.04 -1.13 5.73
N LYS A 300 15.65 -1.79 6.71
CA LYS A 300 16.45 -1.12 7.73
C LYS A 300 17.65 -0.48 7.05
N LEU A 301 18.39 -1.28 6.30
CA LEU A 301 19.46 -0.78 5.45
C LEU A 301 18.99 0.45 4.66
N ASN A 302 17.96 0.27 3.86
CA ASN A 302 17.47 1.37 3.01
C ASN A 302 17.10 2.63 3.80
N ASP A 303 16.46 2.45 4.94
CA ASP A 303 16.04 3.58 5.78
C ASP A 303 17.24 4.26 6.43
N LEU A 304 18.25 3.47 6.81
CA LEU A 304 19.52 4.02 7.28
C LEU A 304 20.15 4.87 6.17
N VAL A 305 20.23 4.28 4.98
CA VAL A 305 20.72 5.02 3.80
C VAL A 305 19.95 6.32 3.64
N LYS A 306 18.62 6.25 3.71
CA LYS A 306 17.79 7.45 3.57
C LYS A 306 18.07 8.47 4.66
N ARG A 307 18.26 8.01 5.90
CA ARG A 307 18.61 8.90 7.01
C ARG A 307 19.94 9.61 6.74
N ALA A 308 20.96 8.79 6.44
CA ALA A 308 22.29 9.31 6.15
C ALA A 308 22.24 10.56 5.29
N ARG A 309 21.42 10.53 4.24
CA ARG A 309 21.39 11.64 3.28
C ARG A 309 20.85 12.90 3.94
N LEU A 310 19.78 12.76 4.71
CA LEU A 310 19.20 13.91 5.42
C LEU A 310 20.22 14.45 6.43
N VAL A 311 20.87 13.52 7.15
CA VAL A 311 21.91 13.92 8.08
C VAL A 311 22.98 14.76 7.35
N ARG A 312 23.49 14.19 6.26
CA ARG A 312 24.49 14.87 5.43
C ARG A 312 24.00 16.26 5.02
N VAL A 313 22.80 16.34 4.45
CA VAL A 313 22.26 17.65 4.04
C VAL A 313 22.26 18.62 5.22
N HIS A 314 21.64 18.19 6.31
CA HIS A 314 21.57 19.00 7.52
C HIS A 314 22.95 19.52 7.92
N ALA A 315 23.94 18.62 7.93
CA ALA A 315 25.31 19.02 8.26
C ALA A 315 25.73 20.25 7.47
N TYR A 316 25.59 20.18 6.15
CA TYR A 316 25.97 21.29 5.30
C TYR A 316 25.12 22.52 5.62
N ILE A 317 23.82 22.30 5.79
CA ILE A 317 22.94 23.43 6.10
C ILE A 317 23.43 24.17 7.35
N ILE A 318 23.77 23.44 8.42
CA ILE A 318 24.30 24.12 9.62
C ILE A 318 25.67 24.73 9.32
N SER A 319 26.60 23.90 8.87
CA SER A 319 27.97 24.36 8.60
C SER A 319 27.99 25.68 7.83
N TYR A 320 27.21 25.73 6.74
CA TYR A 320 27.21 26.91 5.87
C TYR A 320 26.77 28.17 6.59
N LEU A 321 25.87 28.04 7.55
CA LEU A 321 25.40 29.19 8.32
C LEU A 321 26.52 29.68 9.21
N LYS A 322 27.08 28.76 9.99
CA LYS A 322 28.19 29.09 10.87
C LYS A 322 29.32 29.76 10.12
N LYS A 323 29.61 29.30 8.90
CA LYS A 323 30.60 29.99 8.07
C LYS A 323 30.17 31.42 7.77
N GLU A 324 28.91 31.60 7.39
CA GLU A 324 28.40 32.91 6.99
C GLU A 324 28.28 33.89 8.16
N MSE A 325 28.13 33.37 9.37
CA MSE A 325 28.01 34.23 10.56
C MSE A 325 29.27 34.98 10.88
O MSE A 325 30.37 34.46 10.67
CB MSE A 325 27.67 33.38 11.79
CG MSE A 325 26.22 32.93 11.75
SE MSE A 325 25.04 34.44 12.23
CE MSE A 325 25.51 34.58 14.14
N PRO A 326 29.15 36.23 11.39
CA PRO A 326 30.32 36.98 11.83
C PRO A 326 30.80 36.52 13.21
N THR A 327 31.98 36.99 13.62
CA THR A 327 32.62 36.52 14.84
C THR A 327 31.92 37.03 16.09
N VAL A 328 31.70 38.35 16.16
CA VAL A 328 31.02 38.97 17.30
C VAL A 328 30.00 40.05 16.92
N PHE A 329 30.33 40.92 15.96
CA PHE A 329 29.50 42.10 15.67
C PHE A 329 28.52 41.94 14.51
N GLY A 330 27.34 42.53 14.68
CA GLY A 330 26.33 42.61 13.64
C GLY A 330 25.68 41.27 13.30
N LYS A 331 25.58 40.40 14.30
CA LYS A 331 25.08 39.04 14.07
C LYS A 331 23.56 38.98 14.02
N GLU A 332 22.90 39.70 14.93
CA GLU A 332 21.44 39.69 15.03
C GLU A 332 20.74 39.97 13.69
N ASN A 333 21.32 40.87 12.90
CA ASN A 333 20.81 41.16 11.55
C ASN A 333 21.16 40.05 10.56
N LYS A 334 22.36 39.50 10.70
CA LYS A 334 22.83 38.44 9.82
C LYS A 334 22.00 37.18 9.97
N LYS A 335 21.62 36.84 11.20
CA LYS A 335 20.70 35.71 11.45
C LYS A 335 19.37 35.98 10.77
N LYS A 336 18.78 37.13 11.07
CA LYS A 336 17.50 37.55 10.50
C LYS A 336 17.51 37.57 8.96
N GLN A 337 18.68 37.87 8.39
CA GLN A 337 18.86 37.80 6.94
C GLN A 337 18.96 36.36 6.45
N LEU A 338 19.90 35.62 7.04
CA LEU A 338 20.19 34.24 6.65
C LEU A 338 18.94 33.37 6.55
N ILE A 339 18.08 33.44 7.55
CA ILE A 339 16.81 32.69 7.53
C ILE A 339 15.92 33.09 6.34
N LEU A 340 15.92 34.38 5.97
CA LEU A 340 15.19 34.83 4.79
C LEU A 340 15.88 34.38 3.49
N LYS A 341 17.21 34.27 3.54
CA LYS A 341 18.03 33.81 2.41
C LYS A 341 18.10 32.26 2.29
N LEU A 342 17.56 31.56 3.28
CA LEU A 342 17.61 30.08 3.31
C LEU A 342 17.23 29.39 1.99
N PRO A 343 16.14 29.83 1.33
CA PRO A 343 15.83 29.21 0.03
C PRO A 343 17.03 29.24 -0.92
N VAL A 344 17.69 30.40 -0.98
CA VAL A 344 18.87 30.55 -1.82
C VAL A 344 20.00 29.70 -1.25
N ILE A 345 20.10 29.68 0.08
CA ILE A 345 21.11 28.84 0.75
C ILE A 345 21.01 27.37 0.30
N PHE A 346 19.80 26.81 0.30
CA PHE A 346 19.61 25.43 -0.16
C PHE A 346 20.03 25.31 -1.62
N ALA A 347 19.41 26.12 -2.47
CA ALA A 347 19.68 26.12 -3.90
C ALA A 347 21.19 26.11 -4.16
N LYS A 348 21.93 26.99 -3.49
CA LYS A 348 23.38 27.06 -3.69
C LYS A 348 24.12 25.80 -3.22
N ILE A 349 23.62 25.16 -2.15
CA ILE A 349 24.21 23.91 -1.66
C ILE A 349 23.89 22.74 -2.59
N GLN A 350 22.69 22.72 -3.17
CA GLN A 350 22.31 21.64 -4.10
C GLN A 350 23.30 21.54 -5.24
N LEU A 351 23.56 22.67 -5.87
CA LEU A 351 24.47 22.80 -7.01
C LEU A 351 25.86 22.24 -6.70
N GLU A 352 26.55 22.87 -5.76
CA GLU A 352 27.99 22.63 -5.58
C GLU A 352 28.35 21.33 -4.86
N HIS A 353 27.38 20.66 -4.25
CA HIS A 353 27.63 19.36 -3.61
C HIS A 353 26.93 18.20 -4.33
N HIS A 354 26.22 18.49 -5.42
CA HIS A 354 25.53 17.48 -6.22
C HIS A 354 24.64 16.59 -5.36
N ILE A 355 23.51 17.15 -4.93
CA ILE A 355 22.56 16.43 -4.11
C ILE A 355 21.14 16.73 -4.55
N SER A 356 20.30 15.69 -4.53
CA SER A 356 18.95 15.76 -5.07
C SER A 356 18.03 16.61 -4.19
N PRO A 357 17.23 17.50 -4.83
CA PRO A 357 16.24 18.30 -4.10
C PRO A 357 15.41 17.49 -3.11
N GLY A 358 15.12 16.24 -3.45
CA GLY A 358 14.38 15.33 -2.59
C GLY A 358 15.00 15.05 -1.23
N ASP A 359 16.31 15.27 -1.10
CA ASP A 359 17.01 15.10 0.17
C ASP A 359 16.77 16.24 1.17
N PHE A 360 16.51 17.45 0.66
CA PHE A 360 16.30 18.60 1.53
C PHE A 360 14.94 18.54 2.24
N PRO A 361 14.89 19.06 3.48
CA PRO A 361 13.63 19.11 4.22
C PRO A 361 12.81 20.33 3.84
N ASP A 362 11.59 20.41 4.34
CA ASP A 362 10.72 21.56 4.08
C ASP A 362 11.36 22.84 4.61
N CYS A 363 11.56 23.81 3.73
CA CYS A 363 12.19 25.07 4.10
C CYS A 363 11.40 25.75 5.20
N GLN A 364 10.10 25.92 4.97
CA GLN A 364 9.23 26.61 5.91
C GLN A 364 9.40 26.14 7.35
N LYS A 365 9.69 24.86 7.54
CA LYS A 365 9.94 24.31 8.87
C LYS A 365 11.31 24.76 9.40
N MSE A 366 12.35 24.57 8.59
CA MSE A 366 13.72 24.96 8.98
C MSE A 366 13.73 26.41 9.38
O MSE A 366 14.32 26.78 10.39
CB MSE A 366 14.70 24.80 7.83
CG MSE A 366 15.25 23.39 7.75
SE MSE A 366 16.73 23.18 9.02
CE MSE A 366 15.74 22.03 10.29
N GLN A 367 13.05 27.22 8.57
CA GLN A 367 12.83 28.62 8.87
C GLN A 367 12.44 28.78 10.33
N GLU A 368 11.38 28.07 10.73
CA GLU A 368 10.81 28.17 12.08
C GLU A 368 11.75 27.61 13.15
N LEU A 369 12.27 26.40 12.93
CA LEU A 369 13.16 25.78 13.92
C LEU A 369 14.45 26.56 14.14
N LEU A 370 15.05 27.10 13.08
CA LEU A 370 16.31 27.83 13.19
C LEU A 370 16.21 29.08 14.08
N MSE A 371 15.01 29.63 14.22
CA MSE A 371 14.79 30.79 15.06
C MSE A 371 15.11 30.49 16.49
O MSE A 371 15.59 31.37 17.22
CB MSE A 371 13.32 31.24 15.01
CG MSE A 371 12.96 31.76 13.63
SE MSE A 371 13.40 33.66 13.52
CE MSE A 371 11.75 34.33 14.35
N ALA A 372 14.87 29.25 16.91
CA ALA A 372 15.07 28.84 18.30
C ALA A 372 16.54 28.56 18.68
N HIS A 373 17.46 28.62 17.72
CA HIS A 373 18.85 28.25 17.96
C HIS A 373 19.79 29.46 17.93
N ASP A 374 20.87 29.38 18.72
CA ASP A 374 21.90 30.42 18.75
C ASP A 374 22.94 30.16 17.68
N PHE A 375 22.87 30.93 16.59
CA PHE A 375 23.72 30.69 15.42
C PHE A 375 25.21 30.64 15.75
N THR A 376 25.63 31.44 16.73
CA THR A 376 27.03 31.47 17.14
C THR A 376 27.50 30.13 17.70
N LYS A 377 26.59 29.36 18.27
CA LYS A 377 26.95 28.07 18.89
C LYS A 377 27.14 26.95 17.88
N PHE A 378 26.70 27.16 16.63
CA PHE A 378 26.83 26.13 15.59
C PHE A 378 28.29 25.75 15.36
N HIS A 379 28.52 24.49 15.03
CA HIS A 379 29.87 24.01 14.71
C HIS A 379 30.25 24.32 13.26
N SER A 380 31.55 24.21 12.98
CA SER A 380 32.08 24.41 11.63
C SER A 380 31.91 23.15 10.79
N LEU A 381 32.16 23.30 9.49
CA LEU A 381 32.20 22.17 8.58
C LEU A 381 33.41 21.31 8.93
N LYS A 382 33.21 20.01 9.08
CA LYS A 382 34.28 19.09 9.50
C LYS A 382 34.40 17.88 8.57
N PRO A 383 35.03 18.09 7.39
CA PRO A 383 35.09 17.08 6.32
C PRO A 383 35.44 15.69 6.82
N LYS A 384 36.27 15.63 7.86
CA LYS A 384 36.61 14.37 8.54
C LYS A 384 35.38 13.49 8.68
N LEU A 385 34.34 14.02 9.32
CA LEU A 385 33.18 13.22 9.68
C LEU A 385 32.34 12.91 8.44
N LEU A 386 32.05 13.95 7.67
CA LEU A 386 31.32 13.82 6.42
C LEU A 386 31.89 12.72 5.53
N GLU A 387 33.22 12.66 5.45
CA GLU A 387 33.89 11.60 4.69
C GLU A 387 33.50 10.21 5.20
N ALA A 388 33.44 10.03 6.51
CA ALA A 388 33.06 8.72 7.04
C ALA A 388 31.68 8.34 6.51
N LEU A 389 30.74 9.26 6.66
CA LEU A 389 29.37 9.07 6.17
C LEU A 389 29.38 8.73 4.69
N ASP A 390 30.09 9.55 3.90
CA ASP A 390 30.21 9.32 2.46
C ASP A 390 30.74 7.91 2.15
N ASP A 391 31.78 7.51 2.89
CA ASP A 391 32.44 6.22 2.69
C ASP A 391 31.54 5.05 3.12
N MSE A 392 30.68 5.31 4.10
CA MSE A 392 29.67 4.32 4.48
C MSE A 392 28.76 4.04 3.31
O MSE A 392 28.54 2.87 2.95
CB MSE A 392 28.86 4.84 5.67
CG MSE A 392 28.11 3.70 6.36
SE MSE A 392 26.82 4.44 7.64
CE MSE A 392 25.49 5.14 6.39
N LEU A 393 28.24 5.12 2.72
CA LEU A 393 27.32 5.03 1.58
C LEU A 393 27.98 4.54 0.30
N ALA A 394 29.26 4.86 0.13
CA ALA A 394 30.02 4.46 -1.05
C ALA A 394 30.36 2.97 -1.01
N GLN A 395 31.12 2.57 0.00
CA GLN A 395 31.73 1.23 0.01
C GLN A 395 31.09 0.29 1.05
N ASP A 396 31.14 0.67 2.32
CA ASP A 396 30.64 -0.17 3.40
C ASP A 396 29.28 -0.77 3.08
N ILE A 397 28.35 0.09 2.65
CA ILE A 397 27.01 -0.36 2.32
C ILE A 397 27.01 -1.28 1.09
N ALA A 398 27.83 -0.96 0.10
CA ALA A 398 27.97 -1.82 -1.08
C ALA A 398 28.46 -3.22 -0.68
N LYS A 399 29.36 -3.28 0.31
CA LYS A 399 29.91 -4.56 0.78
C LYS A 399 28.87 -5.47 1.43
N LEU A 400 27.89 -4.89 2.12
CA LEU A 400 26.89 -5.69 2.85
C LEU A 400 25.95 -6.47 1.94
N MSE A 401 25.69 -5.93 0.74
CA MSE A 401 24.70 -6.51 -0.17
C MSE A 401 24.92 -7.99 -0.37
O MSE A 401 23.99 -8.77 -0.17
CB MSE A 401 24.69 -5.74 -1.51
CG MSE A 401 24.18 -4.31 -1.38
SE MSE A 401 22.41 -4.27 -0.51
CE MSE A 401 21.39 -5.20 -1.91
N PRO A 402 26.15 -8.41 -0.76
CA PRO A 402 26.46 -9.84 -0.80
C PRO A 402 25.95 -10.62 0.40
N LEU A 403 26.25 -10.13 1.60
CA LEU A 403 25.85 -10.80 2.83
C LEU A 403 24.33 -10.86 2.90
N LEU A 404 23.70 -9.70 2.71
CA LEU A 404 22.24 -9.59 2.75
C LEU A 404 21.59 -10.61 1.84
N ARG A 405 22.05 -10.66 0.59
CA ARG A 405 21.57 -11.64 -0.38
C ARG A 405 21.66 -13.05 0.18
N GLN A 406 22.76 -13.36 0.88
CA GLN A 406 22.95 -14.66 1.49
C GLN A 406 21.95 -14.89 2.63
N GLU A 407 21.73 -13.85 3.44
CA GLU A 407 20.74 -13.93 4.51
C GLU A 407 19.30 -14.07 4.00
N GLU A 408 18.99 -13.49 2.84
CA GLU A 408 17.63 -13.56 2.28
C GLU A 408 17.26 -14.93 1.67
N LEU A 409 18.17 -15.90 1.74
CA LEU A 409 17.82 -17.30 1.43
C LEU A 409 18.44 -18.34 2.37
N GLU A 410 19.46 -17.97 3.16
CA GLU A 410 20.07 -18.93 4.11
C GLU A 410 19.02 -19.65 4.96
N SER A 411 18.17 -18.87 5.62
CA SER A 411 17.10 -19.42 6.44
C SER A 411 16.10 -18.33 6.75
N VAL A 412 15.11 -18.17 5.87
CA VAL A 412 14.14 -17.09 6.00
C VAL A 412 12.72 -17.48 5.59
N GLU A 413 12.34 -18.74 5.85
CA GLU A 413 10.96 -19.17 5.64
C GLU A 413 10.18 -19.16 6.96
N ALA A 414 10.47 -18.17 7.80
CA ALA A 414 9.70 -17.96 9.03
C ALA A 414 8.31 -17.43 8.65
N GLY A 415 8.29 -16.25 8.03
CA GLY A 415 7.04 -15.64 7.55
C GLY A 415 6.05 -15.32 8.65
N VAL A 416 4.99 -14.59 8.30
CA VAL A 416 3.91 -14.34 9.25
C VAL A 416 3.15 -15.64 9.45
N ALA A 417 2.93 -15.99 10.70
CA ALA A 417 2.38 -17.30 11.06
C ALA A 417 0.88 -17.39 10.76
N GLY A 418 0.21 -18.39 11.31
CA GLY A 418 -1.22 -18.59 11.08
C GLY A 418 -2.08 -17.38 11.41
N GLY A 419 -3.34 -17.45 11.01
CA GLY A 419 -4.31 -16.36 11.13
C GLY A 419 -5.16 -16.33 9.89
N ALA A 420 -5.31 -15.15 9.29
CA ALA A 420 -5.95 -15.02 7.97
C ALA A 420 -5.01 -15.41 6.82
N PHE A 421 -3.71 -15.52 7.11
CA PHE A 421 -2.72 -15.88 6.11
C PHE A 421 -2.70 -17.37 5.81
N GLU A 422 -3.31 -18.15 6.69
CA GLU A 422 -3.33 -19.60 6.54
C GLU A 422 -3.92 -20.02 5.20
N GLY A 423 -3.33 -21.04 4.59
CA GLY A 423 -3.70 -21.50 3.26
C GLY A 423 -5.05 -22.21 3.21
N THR A 424 -5.35 -22.98 4.24
CA THR A 424 -6.60 -23.73 4.34
C THR A 424 -7.84 -22.85 4.18
N ARG A 425 -7.70 -21.58 4.56
CA ARG A 425 -8.75 -20.58 4.42
C ARG A 425 -9.37 -20.52 3.01
N MSE A 426 -8.59 -20.81 1.97
CA MSE A 426 -9.12 -20.81 0.60
C MSE A 426 -10.01 -22.00 0.31
O MSE A 426 -10.71 -22.01 -0.71
CB MSE A 426 -8.00 -20.82 -0.45
CG MSE A 426 -7.33 -19.46 -0.64
SE MSE A 426 -8.53 -18.12 -1.48
CE MSE A 426 -8.78 -18.83 -3.30
N GLY A 427 -10.02 -23.01 1.18
CA GLY A 427 -10.89 -24.17 1.02
C GLY A 427 -10.12 -25.41 0.58
N PRO A 428 -10.72 -26.60 0.75
CA PRO A 428 -10.02 -27.84 0.46
C PRO A 428 -10.13 -28.32 -1.01
N PHE A 429 -10.75 -27.54 -1.89
CA PHE A 429 -10.86 -27.90 -3.30
C PHE A 429 -9.92 -27.04 -4.14
N VAL A 430 -9.06 -27.71 -4.92
CA VAL A 430 -8.03 -27.06 -5.74
C VAL A 430 -7.01 -26.30 -4.87
N ASP A 448 -5.58 -26.27 -31.77
CA ASP A 448 -5.31 -27.61 -31.27
C ASP A 448 -6.43 -28.60 -31.60
N ALA A 449 -7.43 -28.14 -32.34
CA ALA A 449 -8.66 -28.92 -32.56
C ALA A 449 -9.37 -28.47 -33.83
N GLU A 450 -10.57 -28.99 -34.06
CA GLU A 450 -11.47 -28.42 -35.06
C GLU A 450 -12.91 -28.51 -34.58
N TRP A 451 -13.70 -27.53 -35.01
CA TRP A 451 -15.10 -27.35 -34.62
C TRP A 451 -15.91 -28.64 -34.62
N VAL A 452 -16.75 -28.78 -33.59
CA VAL A 452 -17.42 -30.05 -33.29
C VAL A 452 -18.82 -30.17 -33.89
N VAL A 453 -19.33 -29.09 -34.48
CA VAL A 453 -20.66 -29.11 -35.09
C VAL A 453 -20.60 -29.20 -36.61
N THR A 454 -19.39 -29.12 -37.16
CA THR A 454 -19.18 -29.23 -38.59
C THR A 454 -19.84 -30.51 -39.13
N LYS A 455 -19.72 -31.60 -38.38
CA LYS A 455 -20.40 -32.86 -38.70
C LYS A 455 -21.92 -32.71 -38.90
N ASP A 456 -22.57 -31.85 -38.12
CA ASP A 456 -24.01 -31.62 -38.25
C ASP A 456 -24.34 -30.29 -38.94
N LYS A 457 -23.33 -29.63 -39.51
CA LYS A 457 -23.49 -28.32 -40.16
C LYS A 457 -24.55 -28.33 -41.26
N SER A 458 -24.31 -29.15 -42.29
CA SER A 458 -25.20 -29.20 -43.46
C SER A 458 -26.64 -29.49 -43.10
N LYS A 459 -26.86 -30.22 -42.00
CA LYS A 459 -28.21 -30.47 -41.48
C LYS A 459 -28.86 -29.18 -40.98
N TYR A 460 -28.10 -28.36 -40.25
CA TYR A 460 -28.62 -27.11 -39.69
C TYR A 460 -28.92 -26.08 -40.79
N ASP A 461 -27.98 -25.92 -41.72
CA ASP A 461 -28.15 -24.97 -42.83
C ASP A 461 -29.50 -25.14 -43.54
N GLU A 462 -29.91 -26.39 -43.75
CA GLU A 462 -31.18 -26.69 -44.39
C GLU A 462 -32.30 -25.98 -43.64
N ILE A 463 -32.26 -26.06 -42.31
CA ILE A 463 -33.26 -25.37 -41.50
C ILE A 463 -33.05 -23.87 -41.58
N PHE A 464 -31.79 -23.43 -41.45
CA PHE A 464 -31.48 -22.00 -41.52
C PHE A 464 -32.08 -21.34 -42.76
N TYR A 465 -31.58 -21.72 -43.93
CA TYR A 465 -31.99 -21.05 -45.18
C TYR A 465 -33.47 -21.23 -45.50
N ASN A 466 -34.08 -22.26 -44.94
CA ASN A 466 -35.52 -22.47 -45.07
C ASN A 466 -36.34 -21.47 -44.24
N LEU A 467 -35.70 -20.81 -43.26
CA LEU A 467 -36.39 -19.79 -42.46
C LEU A 467 -36.28 -18.39 -43.06
N ALA A 468 -35.79 -18.29 -44.30
CA ALA A 468 -35.70 -17.03 -45.04
C ALA A 468 -34.89 -15.95 -44.30
N PRO A 469 -33.60 -16.21 -44.06
CA PRO A 469 -32.73 -15.15 -43.59
C PRO A 469 -32.37 -14.26 -44.77
N ALA A 470 -32.21 -12.97 -44.51
CA ALA A 470 -31.84 -12.04 -45.57
C ALA A 470 -30.32 -11.90 -45.60
N ASP A 471 -29.73 -11.97 -46.79
CA ASP A 471 -28.30 -11.75 -46.97
C ASP A 471 -27.47 -12.67 -46.06
N GLY A 472 -27.90 -13.92 -45.94
CA GLY A 472 -27.24 -14.90 -45.10
C GLY A 472 -27.33 -14.62 -43.61
N LYS A 473 -28.26 -13.75 -43.21
CA LYS A 473 -28.39 -13.34 -41.83
C LYS A 473 -29.85 -13.42 -41.39
N LEU A 474 -30.08 -14.19 -40.33
CA LEU A 474 -31.39 -14.31 -39.74
C LEU A 474 -31.57 -13.24 -38.68
N SER A 475 -32.72 -12.57 -38.73
CA SER A 475 -33.09 -11.55 -37.77
C SER A 475 -33.31 -12.15 -36.38
N GLY A 476 -33.12 -11.31 -35.36
CA GLY A 476 -33.42 -11.70 -34.00
C GLY A 476 -34.89 -12.06 -33.85
N SER A 477 -35.77 -11.22 -34.38
CA SER A 477 -37.22 -11.46 -34.36
C SER A 477 -37.55 -12.85 -34.88
N LYS A 478 -36.97 -13.18 -36.03
CA LYS A 478 -37.24 -14.44 -36.70
C LYS A 478 -36.57 -15.59 -35.94
N ALA A 479 -35.41 -15.32 -35.37
CA ALA A 479 -34.65 -16.34 -34.62
C ALA A 479 -35.36 -16.74 -33.33
N LYS A 480 -35.85 -15.74 -32.61
CA LYS A 480 -36.59 -15.95 -31.35
C LYS A 480 -37.85 -16.77 -31.61
N THR A 481 -38.63 -16.32 -32.59
CA THR A 481 -39.91 -16.96 -32.90
C THR A 481 -39.72 -18.44 -33.27
N TRP A 482 -38.57 -18.78 -33.83
CA TRP A 482 -38.23 -20.18 -34.07
C TRP A 482 -37.74 -20.87 -32.80
N MSE A 483 -36.76 -20.22 -32.15
CA MSE A 483 -36.12 -20.75 -30.94
C MSE A 483 -37.16 -21.16 -29.92
O MSE A 483 -37.13 -22.28 -29.40
CB MSE A 483 -35.17 -19.71 -30.35
CG MSE A 483 -33.82 -19.70 -31.08
SE MSE A 483 -32.59 -18.32 -30.35
CE MSE A 483 -32.06 -19.35 -28.75
N VAL A 484 -38.11 -20.25 -29.64
CA VAL A 484 -39.18 -20.54 -28.67
C VAL A 484 -39.96 -21.81 -29.05
N GLY A 485 -40.07 -22.08 -30.34
CA GLY A 485 -40.64 -23.33 -30.85
C GLY A 485 -40.03 -24.59 -30.25
N THR A 486 -38.82 -24.50 -29.73
CA THR A 486 -38.20 -25.64 -29.06
C THR A 486 -38.86 -25.96 -27.71
N LYS A 487 -39.67 -25.05 -27.20
CA LYS A 487 -40.32 -25.23 -25.90
C LYS A 487 -39.28 -25.34 -24.78
N LEU A 488 -38.26 -24.48 -24.84
CA LEU A 488 -37.29 -24.33 -23.75
C LEU A 488 -37.57 -23.01 -23.01
N PRO A 489 -37.24 -22.95 -21.71
CA PRO A 489 -37.52 -21.74 -20.95
C PRO A 489 -36.78 -20.51 -21.47
N ASN A 490 -37.51 -19.41 -21.56
CA ASN A 490 -37.00 -18.15 -22.12
C ASN A 490 -35.58 -17.83 -21.64
N SER A 491 -35.40 -17.96 -20.32
CA SER A 491 -34.13 -17.73 -19.66
C SER A 491 -32.99 -18.47 -20.33
N VAL A 492 -33.18 -19.76 -20.59
CA VAL A 492 -32.17 -20.58 -21.23
C VAL A 492 -31.94 -20.09 -22.66
N LEU A 493 -33.03 -19.96 -23.41
CA LEU A 493 -32.96 -19.47 -24.78
C LEU A 493 -32.15 -18.16 -24.87
N GLY A 494 -32.33 -17.27 -23.90
CA GLY A 494 -31.51 -16.06 -23.82
C GLY A 494 -30.02 -16.37 -23.67
N ARG A 495 -29.70 -17.26 -22.73
CA ARG A 495 -28.30 -17.61 -22.47
C ARG A 495 -27.70 -18.24 -23.71
N ILE A 496 -28.50 -19.00 -24.44
CA ILE A 496 -28.08 -19.54 -25.72
C ILE A 496 -27.81 -18.39 -26.67
N TRP A 497 -28.82 -17.54 -26.89
CA TRP A 497 -28.65 -16.40 -27.80
C TRP A 497 -27.35 -15.65 -27.52
N LYS A 498 -27.17 -15.24 -26.26
CA LYS A 498 -25.94 -14.54 -25.83
C LYS A 498 -24.67 -15.27 -26.29
N LEU A 499 -24.67 -16.59 -26.17
CA LEU A 499 -23.53 -17.39 -26.57
C LEU A 499 -23.38 -17.43 -28.09
N SER A 500 -24.49 -17.69 -28.78
CA SER A 500 -24.50 -17.87 -30.22
C SER A 500 -24.22 -16.60 -31.02
N ASP A 501 -24.74 -15.45 -30.59
CA ASP A 501 -24.48 -14.22 -31.34
C ASP A 501 -23.05 -13.73 -31.06
N VAL A 502 -22.08 -14.38 -31.70
CA VAL A 502 -20.66 -14.15 -31.41
C VAL A 502 -20.22 -12.75 -31.84
N ASP A 503 -20.59 -12.33 -33.03
CA ASP A 503 -20.24 -10.98 -33.51
C ASP A 503 -21.13 -9.89 -32.90
N ARG A 504 -22.12 -10.31 -32.11
CA ARG A 504 -23.02 -9.44 -31.35
C ARG A 504 -23.59 -8.28 -32.18
N ASP A 505 -24.18 -8.63 -33.31
CA ASP A 505 -24.85 -7.67 -34.20
C ASP A 505 -26.38 -7.79 -34.15
N GLY A 506 -26.88 -8.71 -33.34
CA GLY A 506 -28.33 -8.88 -33.18
C GLY A 506 -28.96 -9.81 -34.20
N MSE A 507 -28.14 -10.45 -35.02
CA MSE A 507 -28.61 -11.39 -36.03
C MSE A 507 -27.80 -12.64 -35.95
O MSE A 507 -26.78 -12.68 -35.26
CB MSE A 507 -28.40 -10.74 -37.39
CG MSE A 507 -29.18 -9.44 -37.53
SE MSE A 507 -29.07 -8.83 -39.41
CE MSE A 507 -28.06 -7.16 -39.09
N LEU A 508 -28.24 -13.69 -36.63
CA LEU A 508 -27.46 -14.94 -36.68
C LEU A 508 -27.20 -15.37 -38.11
N ASP A 509 -25.92 -15.51 -38.47
CA ASP A 509 -25.56 -16.12 -39.74
C ASP A 509 -25.56 -17.64 -39.59
N ASP A 510 -25.32 -18.34 -40.69
CA ASP A 510 -25.40 -19.80 -40.72
C ASP A 510 -24.59 -20.51 -39.61
N GLU A 511 -23.37 -20.03 -39.37
CA GLU A 511 -22.49 -20.66 -38.39
C GLU A 511 -23.05 -20.43 -36.98
N GLU A 512 -23.40 -19.19 -36.70
CA GLU A 512 -23.98 -18.85 -35.40
C GLU A 512 -25.27 -19.64 -35.17
N PHE A 513 -26.07 -19.77 -36.22
CA PHE A 513 -27.30 -20.56 -36.15
C PHE A 513 -26.99 -22.02 -35.85
N ALA A 514 -26.03 -22.58 -36.59
CA ALA A 514 -25.56 -23.93 -36.31
C ALA A 514 -25.15 -24.09 -34.85
N LEU A 515 -24.38 -23.12 -34.35
CA LEU A 515 -23.96 -23.10 -32.94
C LEU A 515 -25.17 -23.11 -32.00
N ALA A 516 -26.04 -22.14 -32.20
CA ALA A 516 -27.28 -22.06 -31.44
C ALA A 516 -27.96 -23.42 -31.41
N SER A 517 -28.22 -23.97 -32.60
CA SER A 517 -28.86 -25.29 -32.71
C SER A 517 -28.12 -26.36 -31.90
N HIS A 518 -26.80 -26.41 -32.08
CA HIS A 518 -25.98 -27.33 -31.31
C HIS A 518 -26.26 -27.19 -29.82
N LEU A 519 -26.26 -25.94 -29.35
CA LEU A 519 -26.52 -25.70 -27.93
C LEU A 519 -27.93 -26.12 -27.51
N ILE A 520 -28.91 -25.80 -28.34
CA ILE A 520 -30.29 -26.21 -28.09
C ILE A 520 -30.39 -27.73 -27.95
N GLU A 521 -29.78 -28.46 -28.89
CA GLU A 521 -29.69 -29.92 -28.79
C GLU A 521 -29.01 -30.33 -27.49
N ALA A 522 -27.85 -29.71 -27.22
CA ALA A 522 -27.10 -29.99 -26.00
C ALA A 522 -27.98 -29.90 -24.77
N LYS A 523 -28.67 -28.77 -24.60
CA LYS A 523 -29.52 -28.60 -23.41
C LYS A 523 -30.69 -29.56 -23.45
N LEU A 524 -31.29 -29.73 -24.63
CA LEU A 524 -32.40 -30.68 -24.76
C LEU A 524 -32.00 -32.09 -24.32
N GLU A 525 -30.76 -32.49 -24.61
CA GLU A 525 -30.26 -33.79 -24.15
C GLU A 525 -29.97 -33.83 -22.64
N GLY A 526 -29.88 -32.66 -22.01
CA GLY A 526 -29.60 -32.56 -20.57
C GLY A 526 -28.15 -32.21 -20.30
N HIS A 527 -27.79 -30.96 -20.56
CA HIS A 527 -26.43 -30.47 -20.33
C HIS A 527 -26.41 -29.02 -19.86
N GLY A 528 -25.38 -28.68 -19.10
CA GLY A 528 -25.20 -27.32 -18.62
C GLY A 528 -24.54 -26.46 -19.69
N LEU A 529 -25.06 -25.26 -19.88
CA LEU A 529 -24.48 -24.33 -20.83
C LEU A 529 -23.28 -23.64 -20.18
N PRO A 530 -22.15 -23.54 -20.92
CA PRO A 530 -21.03 -22.79 -20.38
C PRO A 530 -21.41 -21.34 -20.19
N THR A 531 -20.99 -20.75 -19.07
CA THR A 531 -21.22 -19.33 -18.86
C THR A 531 -20.58 -18.51 -19.99
N ASN A 532 -19.41 -18.93 -20.46
CA ASN A 532 -18.72 -18.29 -21.59
C ASN A 532 -18.29 -19.33 -22.62
N LEU A 533 -18.41 -19.01 -23.90
CA LEU A 533 -17.99 -19.92 -24.97
C LEU A 533 -16.49 -20.18 -24.93
N PRO A 534 -16.09 -21.45 -24.98
CA PRO A 534 -14.66 -21.76 -25.13
C PRO A 534 -14.19 -21.56 -26.56
N ARG A 535 -12.93 -21.19 -26.73
CA ARG A 535 -12.35 -21.01 -28.06
C ARG A 535 -12.80 -22.14 -29.00
N ARG A 536 -12.81 -23.36 -28.48
CA ARG A 536 -13.21 -24.55 -29.24
C ARG A 536 -14.56 -24.41 -29.95
N LEU A 537 -15.55 -23.88 -29.24
CA LEU A 537 -16.89 -23.77 -29.81
C LEU A 537 -17.07 -22.58 -30.74
N VAL A 538 -16.16 -21.60 -30.71
CA VAL A 538 -16.25 -20.44 -31.59
C VAL A 538 -16.15 -20.91 -33.05
N PRO A 539 -17.10 -20.50 -33.91
CA PRO A 539 -16.99 -20.92 -35.31
C PRO A 539 -15.60 -20.58 -35.86
N PRO A 540 -14.96 -21.54 -36.55
CA PRO A 540 -13.60 -21.35 -37.01
C PRO A 540 -13.34 -19.96 -37.61
N SER A 541 -14.18 -19.56 -38.57
CA SER A 541 -13.96 -18.29 -39.27
C SER A 541 -13.96 -17.09 -38.34
N LYS A 542 -14.67 -17.19 -37.22
CA LYS A 542 -14.84 -16.08 -36.29
C LYS A 542 -13.71 -15.99 -35.26
N ARG A 543 -12.99 -17.09 -35.04
CA ARG A 543 -11.97 -17.14 -33.98
C ARG A 543 -10.94 -16.04 -34.08
N ARG A 544 -10.37 -15.66 -32.94
CA ARG A 544 -9.38 -14.59 -32.88
C ARG A 544 -8.08 -15.02 -33.56
N GLN A 545 -7.34 -14.04 -34.06
CA GLN A 545 -5.97 -14.27 -34.51
C GLN A 545 -5.06 -14.31 -33.30
N LYS A 546 -4.50 -15.48 -33.01
CA LYS A 546 -3.56 -15.64 -31.89
C LYS A 546 -2.61 -16.83 -32.07
CA CA B . -24.61 -12.40 -35.55
PG ANP C . -12.49 5.24 12.74
O1G ANP C . -11.91 5.93 11.52
O2G ANP C . -13.42 6.12 13.52
O3G ANP C . -11.50 4.45 13.56
PB ANP C . -12.76 2.69 11.17
O1B ANP C . -11.97 3.31 10.04
O2B ANP C . -12.08 1.77 12.17
N3B ANP C . -13.51 3.99 12.07
PA ANP C . -14.61 0.63 11.18
O1A ANP C . -15.15 1.14 12.49
O2A ANP C . -13.68 -0.55 11.19
O3A ANP C . -13.91 1.86 10.43
O5' ANP C . -15.85 0.40 10.19
C5' ANP C . -16.60 1.51 9.73
C4' ANP C . -18.03 1.09 9.40
O4' ANP C . -18.05 0.53 8.09
C3' ANP C . -18.59 0.04 10.35
O3' ANP C . -19.96 0.33 10.68
C2' ANP C . -18.47 -1.26 9.59
O2' ANP C . -19.58 -2.13 9.84
C1' ANP C . -18.42 -0.85 8.14
N9 ANP C . -17.42 -1.61 7.35
C8 ANP C . -16.15 -1.89 7.72
N7 ANP C . -15.51 -2.60 6.76
C5 ANP C . -16.38 -2.77 5.76
C6 ANP C . -16.35 -3.44 4.45
N6 ANP C . -15.19 -4.04 4.08
N1 ANP C . -17.45 -3.40 3.67
C2 ANP C . -18.59 -2.78 4.08
N3 ANP C . -18.68 -2.15 5.27
C4 ANP C . -17.64 -2.11 6.14
MG MG D . -11.30 2.64 14.02
#